data_4R4O
#
_entry.id   4R4O
#
_cell.length_a   38.218
_cell.length_b   53.328
_cell.length_c   53.992
_cell.angle_alpha   90.00
_cell.angle_beta   90.00
_cell.angle_gamma   90.00
#
_symmetry.space_group_name_H-M   'P 21 21 21'
#
loop_
_entity.id
_entity.type
_entity.pdbx_description
1 polymer 'Replication protein A 70 kDa DNA-binding subunit'
2 non-polymer '5-(4-{[4-(5-carboxyfuran-2-yl)benzyl]carbamothioyl}phenyl)-1-(3,4-dichlorophenyl)-1H-pyrazole-3-carboxylic acid'
3 water water
#
_entity_poly.entity_id   1
_entity_poly.type   'polypeptide(L)'
_entity_poly.pdbx_seq_one_letter_code
;GSHMVGQLSRGAIAAIMQKGDTNIKPILQVINIRPITTGNSPPRYRLLMSDGLNTLSSFMLATQLNPLVEEEQLSSNCVC
QIHRFIVNTLKDGRRVVILMELEVLKSAEAVGVKIGNPVPYNE
;
_entity_poly.pdbx_strand_id   A
#
loop_
_chem_comp.id
_chem_comp.type
_chem_comp.name
_chem_comp.formula
3HW non-polymer '5-(4-{[4-(5-carboxyfuran-2-yl)benzyl]carbamothioyl}phenyl)-1-(3,4-dichlorophenyl)-1H-pyrazole-3-carboxylic acid' 'C29 H19 Cl2 N3 O5 S'
#
# COMPACT_ATOMS: atom_id res chain seq x y z
N GLY A 1 -7.80 11.60 14.15
CA GLY A 1 -8.78 11.75 15.27
C GLY A 1 -9.24 10.42 15.83
N SER A 2 -9.96 10.49 16.94
CA SER A 2 -10.46 9.31 17.65
C SER A 2 -11.03 8.27 16.69
N HIS A 3 -10.96 7.00 17.08
CA HIS A 3 -11.36 5.87 16.22
C HIS A 3 -10.45 5.87 14.98
N MET A 4 -9.15 5.67 15.17
CA MET A 4 -8.19 5.84 14.10
CA MET A 4 -8.22 5.86 14.08
C MET A 4 -8.46 4.88 12.94
N VAL A 5 -8.91 3.68 13.24
CA VAL A 5 -9.11 2.71 12.19
C VAL A 5 -10.25 3.13 11.27
N GLY A 6 -11.10 4.03 11.73
CA GLY A 6 -12.14 4.60 10.90
C GLY A 6 -11.60 5.45 9.75
N GLN A 7 -10.31 5.78 9.78
CA GLN A 7 -9.70 6.54 8.71
C GLN A 7 -9.25 5.66 7.54
N LEU A 8 -9.28 4.34 7.72
CA LEU A 8 -8.79 3.39 6.70
C LEU A 8 -9.93 2.59 6.08
N SER A 9 -9.75 2.19 4.82
CA SER A 9 -10.76 1.45 4.09
C SER A 9 -10.81 -0.02 4.50
N ARG A 10 -11.34 -0.28 5.68
CA ARG A 10 -11.41 -1.64 6.20
C ARG A 10 -12.15 -2.54 5.22
N GLY A 11 -11.51 -3.63 4.84
CA GLY A 11 -12.08 -4.58 3.89
C GLY A 11 -11.58 -4.42 2.47
N ALA A 12 -10.86 -3.35 2.18
CA ALA A 12 -10.34 -3.14 0.83
C ALA A 12 -9.33 -4.21 0.40
N ILE A 13 -8.51 -4.69 1.31
CA ILE A 13 -7.50 -5.67 0.89
C ILE A 13 -8.17 -6.96 0.42
N ALA A 14 -9.13 -7.44 1.19
CA ALA A 14 -9.86 -8.63 0.77
C ALA A 14 -10.57 -8.39 -0.56
N ALA A 15 -11.15 -7.21 -0.75
CA ALA A 15 -11.87 -6.89 -1.99
C ALA A 15 -10.92 -6.92 -3.19
N ILE A 16 -9.74 -6.36 -3.01
CA ILE A 16 -8.77 -6.33 -4.09
C ILE A 16 -8.29 -7.71 -4.45
N MET A 17 -7.98 -8.50 -3.44
CA MET A 17 -7.33 -9.78 -3.68
C MET A 17 -8.31 -10.86 -4.11
N GLN A 18 -9.58 -10.73 -3.71
CA GLN A 18 -10.61 -11.74 -4.00
C GLN A 18 -11.62 -11.33 -5.07
N LYS A 19 -12.18 -10.13 -4.96
CA LYS A 19 -13.24 -9.71 -5.87
C LYS A 19 -12.68 -9.17 -7.18
N GLY A 20 -11.39 -8.84 -7.18
CA GLY A 20 -10.74 -8.32 -8.37
C GLY A 20 -11.11 -6.88 -8.60
N ASP A 21 -11.81 -6.29 -7.64
CA ASP A 21 -12.24 -4.90 -7.68
C ASP A 21 -11.06 -3.98 -8.03
N THR A 22 -11.21 -3.14 -9.06
CA THR A 22 -10.22 -2.10 -9.35
C THR A 22 -10.76 -0.67 -9.41
N ASN A 23 -12.07 -0.51 -9.22
CA ASN A 23 -12.67 0.82 -9.27
C ASN A 23 -12.57 1.57 -7.96
N ILE A 24 -12.35 0.84 -6.88
CA ILE A 24 -12.27 1.45 -5.56
C ILE A 24 -11.03 2.33 -5.45
N LYS A 25 -11.10 3.32 -4.57
CA LYS A 25 -9.95 4.20 -4.30
C LYS A 25 -9.65 4.17 -2.81
N PRO A 26 -9.17 3.01 -2.36
CA PRO A 26 -9.08 2.77 -0.92
C PRO A 26 -8.02 3.58 -0.23
N ILE A 27 -8.29 3.89 1.03
CA ILE A 27 -7.34 4.54 1.90
C ILE A 27 -6.65 3.50 2.77
N LEU A 28 -5.33 3.45 2.67
CA LEU A 28 -4.50 2.42 3.29
C LEU A 28 -3.37 3.09 4.05
N GLN A 29 -2.83 2.39 5.02
CA GLN A 29 -1.64 2.85 5.73
C GLN A 29 -0.44 2.04 5.28
N VAL A 30 0.66 2.73 5.06
CA VAL A 30 1.93 2.06 4.79
C VAL A 30 2.50 1.61 6.12
N ILE A 31 2.82 0.32 6.22
CA ILE A 31 3.46 -0.21 7.42
C ILE A 31 4.96 -0.30 7.24
N ASN A 32 5.42 -0.76 6.08
CA ASN A 32 6.85 -0.86 5.79
C ASN A 32 7.07 -0.76 4.31
N ILE A 33 8.27 -0.32 3.93
CA ILE A 33 8.68 -0.20 2.54
C ILE A 33 10.07 -0.76 2.45
N ARG A 34 10.31 -1.59 1.44
CA ARG A 34 11.64 -2.13 1.26
C ARG A 34 11.97 -2.19 -0.22
N PRO A 35 13.21 -1.87 -0.57
CA PRO A 35 13.59 -2.01 -1.97
C PRO A 35 13.67 -3.48 -2.36
N ILE A 36 13.29 -3.80 -3.59
CA ILE A 36 13.47 -5.13 -4.12
C ILE A 36 14.76 -5.14 -4.89
N THR A 37 15.42 -6.30 -4.90
CA THR A 37 16.65 -6.47 -5.66
C THR A 37 16.37 -6.36 -7.16
N THR A 38 17.09 -5.46 -7.84
CA THR A 38 16.85 -5.18 -9.25
C THR A 38 18.08 -5.45 -10.13
N GLY A 39 19.15 -4.70 -9.89
CA GLY A 39 20.34 -4.76 -10.72
C GLY A 39 20.47 -3.50 -11.56
N ASN A 40 20.82 -3.66 -12.84
CA ASN A 40 20.92 -2.51 -13.75
C ASN A 40 19.54 -2.06 -14.21
N SER A 41 18.79 -1.49 -13.29
CA SER A 41 17.47 -0.97 -13.59
C SER A 41 16.96 -0.23 -12.36
N PRO A 42 16.01 0.70 -12.54
CA PRO A 42 15.56 1.51 -11.40
C PRO A 42 15.11 0.62 -10.26
N PRO A 43 15.33 1.07 -9.01
CA PRO A 43 14.86 0.24 -7.90
C PRO A 43 13.36 0.08 -7.98
N ARG A 44 12.86 -0.99 -7.39
CA ARG A 44 11.43 -1.12 -7.21
C ARG A 44 11.18 -1.27 -5.71
N TYR A 45 10.08 -0.70 -5.28
CA TYR A 45 9.72 -0.72 -3.88
C TYR A 45 8.52 -1.60 -3.62
N ARG A 46 8.68 -2.48 -2.64
CA ARG A 46 7.61 -3.36 -2.15
C ARG A 46 7.08 -2.78 -0.84
N LEU A 47 5.76 -2.82 -0.67
CA LEU A 47 5.11 -2.22 0.50
C LEU A 47 4.26 -3.23 1.23
N LEU A 48 4.39 -3.19 2.56
CA LEU A 48 3.46 -3.83 3.46
C LEU A 48 2.43 -2.78 3.82
N MET A 49 1.19 -3.00 3.41
CA MET A 49 0.07 -2.05 3.55
CA MET A 49 0.15 -2.02 3.67
C MET A 49 -0.98 -2.62 4.50
N SER A 50 -1.74 -1.73 5.12
CA SER A 50 -2.82 -2.08 6.00
C SER A 50 -4.09 -1.36 5.61
N ASP A 51 -5.21 -2.07 5.69
CA ASP A 51 -6.52 -1.43 5.57
C ASP A 51 -7.21 -1.32 6.92
N GLY A 52 -6.47 -1.56 7.99
CA GLY A 52 -7.01 -1.54 9.34
C GLY A 52 -7.46 -2.89 9.87
N LEU A 53 -7.86 -3.78 8.97
CA LEU A 53 -8.22 -5.15 9.35
C LEU A 53 -7.13 -6.14 9.02
N ASN A 54 -6.55 -5.97 7.82
CA ASN A 54 -5.49 -6.84 7.35
C ASN A 54 -4.26 -6.04 6.96
N THR A 55 -3.12 -6.73 7.03
CA THR A 55 -1.93 -6.30 6.32
C THR A 55 -1.67 -7.22 5.15
N LEU A 56 -0.95 -6.70 4.16
CA LEU A 56 -0.58 -7.49 3.00
C LEU A 56 0.67 -6.90 2.40
N SER A 57 1.64 -7.75 2.07
CA SER A 57 2.93 -7.28 1.57
C SER A 57 3.08 -7.43 0.06
N SER A 58 1.99 -7.71 -0.65
CA SER A 58 2.04 -7.96 -2.08
CA SER A 58 2.05 -7.96 -2.08
C SER A 58 1.78 -6.70 -2.91
N PHE A 59 2.27 -5.58 -2.46
CA PHE A 59 2.15 -4.33 -3.18
C PHE A 59 3.50 -3.89 -3.69
N MET A 60 3.50 -3.40 -4.92
CA MET A 60 4.68 -2.76 -5.45
C MET A 60 4.33 -1.43 -6.02
N LEU A 61 5.27 -0.51 -5.94
CA LEU A 61 5.07 0.83 -6.47
C LEU A 61 5.47 0.89 -7.94
N ALA A 62 4.65 1.52 -8.77
CA ALA A 62 5.09 1.88 -10.12
C ALA A 62 6.37 2.72 -10.01
N THR A 63 7.31 2.51 -10.92
CA THR A 63 8.59 3.19 -10.79
C THR A 63 8.46 4.70 -10.93
N GLN A 64 7.43 5.17 -11.63
CA GLN A 64 7.18 6.60 -11.73
C GLN A 64 6.96 7.25 -10.36
N LEU A 65 6.55 6.46 -9.38
CA LEU A 65 6.31 6.98 -8.03
C LEU A 65 7.52 6.87 -7.11
N ASN A 66 8.64 6.36 -7.61
CA ASN A 66 9.82 6.23 -6.79
C ASN A 66 10.23 7.50 -6.05
N PRO A 67 10.11 8.67 -6.68
CA PRO A 67 10.49 9.89 -5.97
C PRO A 67 9.73 10.10 -4.66
N LEU A 68 8.51 9.59 -4.55
CA LEU A 68 7.78 9.76 -3.30
CA LEU A 68 7.77 9.70 -3.29
C LEU A 68 8.50 9.05 -2.14
N VAL A 69 9.11 7.93 -2.42
CA VAL A 69 9.84 7.16 -1.40
C VAL A 69 11.19 7.82 -1.18
N GLU A 70 11.87 8.15 -2.27
CA GLU A 70 13.22 8.67 -2.19
C GLU A 70 13.30 10.05 -1.55
N GLU A 71 12.25 10.84 -1.67
CA GLU A 71 12.18 12.15 -1.02
C GLU A 71 11.40 12.11 0.30
N GLU A 72 11.04 10.91 0.75
CA GLU A 72 10.52 10.67 2.10
C GLU A 72 9.13 11.24 2.34
N GLN A 73 8.33 11.38 1.28
CA GLN A 73 6.93 11.77 1.44
CA GLN A 73 6.95 11.80 1.43
C GLN A 73 6.07 10.55 1.65
N LEU A 74 6.50 9.42 1.09
CA LEU A 74 5.86 8.12 1.27
C LEU A 74 6.77 7.26 2.15
N SER A 75 6.35 7.01 3.38
CA SER A 75 7.16 6.25 4.34
C SER A 75 6.30 5.55 5.38
N SER A 76 6.89 4.64 6.13
CA SER A 76 6.16 3.89 7.14
C SER A 76 5.34 4.79 8.06
N ASN A 77 4.06 4.41 8.19
CA ASN A 77 3.02 5.04 9.00
C ASN A 77 2.15 6.03 8.23
N CYS A 78 2.58 6.47 7.04
CA CYS A 78 1.75 7.41 6.31
CA CYS A 78 1.80 7.36 6.18
C CYS A 78 0.45 6.76 5.85
N VAL A 79 -0.57 7.61 5.68
CA VAL A 79 -1.88 7.18 5.22
C VAL A 79 -2.05 7.73 3.82
N CYS A 80 -2.40 6.84 2.89
CA CYS A 80 -2.51 7.23 1.49
CA CYS A 80 -2.46 7.13 1.46
C CYS A 80 -3.78 6.70 0.85
N GLN A 81 -4.22 7.40 -0.19
CA GLN A 81 -5.35 6.97 -0.98
C GLN A 81 -4.83 6.47 -2.31
N ILE A 82 -5.24 5.26 -2.68
CA ILE A 82 -4.85 4.68 -3.95
C ILE A 82 -5.84 5.10 -5.02
N HIS A 83 -5.37 5.88 -5.99
CA HIS A 83 -6.22 6.38 -7.04
C HIS A 83 -6.24 5.50 -8.28
N ARG A 84 -5.18 4.72 -8.51
CA ARG A 84 -5.14 3.80 -9.63
C ARG A 84 -4.19 2.67 -9.29
N PHE A 85 -4.63 1.45 -9.57
CA PHE A 85 -3.80 0.27 -9.35
C PHE A 85 -4.19 -0.81 -10.34
N ILE A 86 -3.28 -1.76 -10.52
CA ILE A 86 -3.61 -2.95 -11.28
C ILE A 86 -3.19 -4.16 -10.48
N VAL A 87 -3.84 -5.26 -10.78
CA VAL A 87 -3.53 -6.53 -10.18
C VAL A 87 -2.95 -7.45 -11.22
N ASN A 88 -1.81 -8.06 -10.89
CA ASN A 88 -1.12 -9.05 -11.71
CA ASN A 88 -1.25 -9.11 -11.73
C ASN A 88 -1.08 -10.39 -10.97
N THR A 89 -1.26 -11.48 -11.68
CA THR A 89 -1.25 -12.80 -11.08
C THR A 89 -0.09 -13.58 -11.66
N LEU A 90 0.76 -14.08 -10.78
CA LEU A 90 1.94 -14.82 -11.16
C LEU A 90 1.59 -16.25 -11.54
N LYS A 91 2.52 -16.94 -12.19
CA LYS A 91 2.30 -18.30 -12.61
C LYS A 91 1.94 -19.22 -11.45
N ASP A 92 2.49 -18.93 -10.26
CA ASP A 92 2.22 -19.79 -9.11
C ASP A 92 0.92 -19.49 -8.40
N GLY A 93 0.21 -18.46 -8.86
CA GLY A 93 -1.09 -18.11 -8.33
C GLY A 93 -1.10 -16.91 -7.41
N ARG A 94 0.07 -16.46 -6.96
CA ARG A 94 0.12 -15.27 -6.14
C ARG A 94 -0.28 -14.03 -6.90
N ARG A 95 -0.91 -13.11 -6.21
CA ARG A 95 -1.29 -11.85 -6.80
C ARG A 95 -0.45 -10.72 -6.26
N VAL A 96 -0.13 -9.81 -7.16
CA VAL A 96 0.66 -8.63 -6.84
C VAL A 96 -0.15 -7.40 -7.25
N VAL A 97 -0.16 -6.39 -6.39
CA VAL A 97 -0.89 -5.16 -6.63
C VAL A 97 0.12 -4.08 -6.96
N ILE A 98 0.03 -3.53 -8.17
CA ILE A 98 0.93 -2.46 -8.60
CA ILE A 98 0.94 -2.46 -8.57
C ILE A 98 0.22 -1.14 -8.41
N LEU A 99 0.77 -0.30 -7.56
CA LEU A 99 0.21 1.00 -7.24
C LEU A 99 0.69 2.02 -8.28
N MET A 100 -0.24 2.57 -9.04
CA MET A 100 0.09 3.45 -10.16
CA MET A 100 0.11 3.44 -10.15
C MET A 100 -0.06 4.93 -9.84
N GLU A 101 -1.07 5.27 -9.04
CA GLU A 101 -1.31 6.64 -8.61
C GLU A 101 -1.73 6.57 -7.18
N LEU A 102 -1.08 7.35 -6.33
CA LEU A 102 -1.54 7.49 -4.98
C LEU A 102 -1.25 8.85 -4.42
N GLU A 103 -2.04 9.18 -3.42
CA GLU A 103 -1.96 10.45 -2.75
C GLU A 103 -1.66 10.19 -1.29
N VAL A 104 -0.69 10.92 -0.74
CA VAL A 104 -0.45 10.85 0.69
C VAL A 104 -1.42 11.81 1.38
N LEU A 105 -2.35 11.26 2.16
CA LEU A 105 -3.32 12.08 2.88
C LEU A 105 -2.77 12.62 4.19
N LYS A 106 -1.98 11.80 4.88
CA LYS A 106 -1.34 12.20 6.13
C LYS A 106 0.07 11.67 6.14
N SER A 107 1.03 12.53 6.43
CA SER A 107 2.42 12.13 6.48
C SER A 107 2.66 11.11 7.59
N ALA A 108 3.75 10.37 7.48
CA ALA A 108 4.15 9.44 8.52
C ALA A 108 4.28 10.17 9.85
N GLU A 109 4.82 11.37 9.82
CA GLU A 109 5.08 12.09 11.05
C GLU A 109 3.78 12.57 11.71
N ALA A 110 2.74 12.78 10.92
CA ALA A 110 1.46 13.23 11.43
C ALA A 110 0.60 12.09 11.96
N VAL A 111 0.96 10.87 11.63
CA VAL A 111 0.22 9.70 12.08
C VAL A 111 1.00 9.02 13.21
N GLY A 112 2.22 8.54 12.91
CA GLY A 112 3.18 8.19 13.93
C GLY A 112 3.14 6.79 14.49
N VAL A 113 2.10 6.03 14.17
CA VAL A 113 1.92 4.70 14.72
C VAL A 113 1.15 3.86 13.72
N LYS A 114 1.30 2.54 13.81
CA LYS A 114 0.40 1.63 13.12
C LYS A 114 -1.00 1.74 13.70
N ILE A 115 -1.96 1.97 12.82
CA ILE A 115 -3.35 2.13 13.22
C ILE A 115 -4.00 0.77 13.44
N GLY A 116 -4.67 0.61 14.56
CA GLY A 116 -5.37 -0.61 14.85
C GLY A 116 -4.44 -1.79 15.08
N ASN A 117 -4.99 -2.98 14.87
CA ASN A 117 -4.26 -4.22 15.06
C ASN A 117 -4.54 -5.16 13.89
N PRO A 118 -4.12 -4.75 12.70
CA PRO A 118 -4.42 -5.56 11.51
C PRO A 118 -3.66 -6.89 11.53
N VAL A 119 -4.28 -7.92 10.96
CA VAL A 119 -3.66 -9.24 10.91
C VAL A 119 -3.31 -9.61 9.48
N PRO A 120 -2.29 -10.43 9.29
CA PRO A 120 -1.91 -10.77 7.92
C PRO A 120 -3.04 -11.40 7.11
N TYR A 121 -3.20 -10.90 5.89
CA TYR A 121 -4.15 -11.45 4.95
C TYR A 121 -3.68 -12.79 4.49
N ASN A 122 -4.60 -13.77 4.53
CA ASN A 122 -4.34 -15.13 4.12
C ASN A 122 -4.84 -15.30 2.70
N GLU A 123 -3.88 -15.31 1.78
CA GLU A 123 -4.16 -15.40 0.36
C GLU A 123 -4.48 -16.82 -0.11
C10 3HW B . 5.57 -10.50 -3.96
C13 3HW B . 7.72 -11.38 -4.51
C15 3HW B . 8.88 -9.44 -7.76
C17 3HW B . 8.30 -8.22 -9.75
C21 3HW B . 5.77 -8.38 -13.32
C22 3HW B . 5.42 -6.93 -13.42
C24 3HW B . 3.98 -5.26 -14.35
C26 3HW B . 4.33 -2.85 -13.87
C28 3HW B . 3.31 -0.91 -14.40
O01 3HW B . 13.22 -10.27 -3.62
C02 3HW B . 13.03 -9.99 -4.84
C03 3HW B . 11.64 -9.92 -5.36
N04 3HW B . 10.55 -10.12 -4.63
N05 3HW B . 9.47 -9.96 -5.38
C06 3HW B . 8.15 -10.12 -4.89
C07 3HW B . 7.29 -9.04 -4.81
C08 3HW B . 6.00 -9.24 -4.34
CL0 3HW B . 4.94 -7.88 -4.23
CL1 3HW B . 3.98 -10.76 -3.37
C12 3HW B . 6.43 -11.58 -4.05
C14 3HW B . 9.80 -9.69 -6.64
C16 3HW B . 9.17 -8.46 -8.69
C18 3HW B . 7.14 -8.98 -9.87
C19 3HW B . 6.19 -8.74 -10.99
N20 3HW B . 6.66 -8.90 -12.33
C23 3HW B . 4.34 -6.59 -14.21
C25 3HW B . 4.70 -4.28 -13.69
C27 3HW B . 3.14 -2.35 -14.41
C29 3HW B . 4.58 -0.70 -13.84
C30 3HW B . 5.27 0.57 -13.59
O31 3HW B . 4.83 1.67 -14.04
O32 3HW B . 6.34 0.53 -12.92
O33 3HW B . 5.12 -1.86 -13.57
C34 3HW B . 5.80 -4.62 -12.91
C35 3HW B . 6.16 -5.95 -12.78
S36 3HW B . 4.57 -8.74 -10.63
C37 3HW B . 6.85 -9.96 -8.95
C38 3HW B . 7.71 -10.20 -7.90
C39 3HW B . 11.23 -9.64 -6.69
O40 3HW B . 14.00 -9.78 -5.61
H131 3HW B . 8.32 -12.14 -4.58
H171 3HW B . 8.50 -7.53 -10.40
H211 3HW B . 6.14 -8.63 -14.19
H212 3HW B . 4.92 -8.88 -13.23
H241 3HW B . 3.22 -5.02 -14.90
H281 3HW B . 2.67 -0.25 -14.69
H071 3HW B . 7.59 -8.16 -5.07
H121 3HW B . 6.13 -12.46 -3.79
H161 3HW B . 9.98 -7.93 -8.60
H201 3HW B . 7.49 -8.51 -12.42
H231 3HW B . 3.83 -7.28 -14.67
H271 3HW B . 2.38 -2.84 -14.73
H341 3HW B . 6.31 -3.93 -12.46
H351 3HW B . 6.93 -6.20 -12.23
H371 3HW B . 6.04 -10.49 -9.04
H381 3HW B . 7.52 -10.89 -7.24
H391 3HW B . 11.79 -9.45 -7.46
#